data_2CNQ
#
_entry.id   2CNQ
#
_cell.length_a   60.683
_cell.length_b   61.851
_cell.length_c   76.893
_cell.angle_alpha   90.00
_cell.angle_beta   90.00
_cell.angle_gamma   90.00
#
_symmetry.space_group_name_H-M   'P 21 21 21'
#
loop_
_entity.id
_entity.type
_entity.pdbx_description
1 polymer 'PHOSPHORIBOSYLAMINOIMIDAZOLE-SUCCINOCARBOXAMIDE SYNTHASE'
2 non-polymer "ADENOSINE-5'-DIPHOSPHATE"
3 non-polymer 'AMINOIMIDAZOLE 4-CARBOXAMIDE RIBONUCLEOTIDE'
4 non-polymer 'ADENOSINE MONOPHOSPHATE'
5 non-polymer 'SUCCINIC ACID'
6 non-polymer 'MAGNESIUM ION'
7 non-polymer 'SULFATE ION'
8 water water
#
_entity_poly.entity_id   1
_entity_poly.type   'polypeptide(L)'
_entity_poly.pdbx_seq_one_letter_code
;(ACE)SITKTELDGILPLVARGKVRDIYEVDAGTLLFVATDRISAYDVIMENSIPEKGILLTKLSEFWFKFLSNDVRNHL
VDIAPGKTIFDYLPAKLSEPKYKTQLEDRSLLVHKHKLIPLEVIVRGYITGSAWKEYVKTGTVHGLKQPQGLKESQEFPE
PIFTPSTKAEQGEHDENISPAQAAELVGEDLSRRVAELAVKLYSKCKDYAKEKGIIIADTKFEFGIDEKTNEIILVDEVL
TPDSSRFWNGASYKVGESQDSYDKQFLRDWLTANKLNGVNGVKMPQDIVDRTRAKYIEAYETLTGSKWSH
;
_entity_poly.pdbx_strand_id   A
#
# COMPACT_ATOMS: atom_id res chain seq x y z
N SER A 2 -10.06 -1.82 -18.84
CA SER A 2 -9.90 -1.70 -17.43
C SER A 2 -11.14 -2.18 -16.74
N ILE A 3 -10.93 -2.68 -15.55
CA ILE A 3 -12.03 -2.96 -14.66
C ILE A 3 -12.04 -1.81 -13.70
N THR A 4 -12.99 -0.96 -13.87
CA THR A 4 -13.07 0.24 -13.10
C THR A 4 -14.05 0.13 -11.98
N LYS A 5 -15.16 -0.51 -12.22
CA LYS A 5 -16.20 -0.65 -11.26
C LYS A 5 -16.77 -2.00 -11.44
N THR A 6 -16.61 -2.85 -10.46
CA THR A 6 -17.16 -4.17 -10.60
C THR A 6 -18.65 -4.10 -10.51
N GLU A 7 -19.28 -4.95 -11.29
CA GLU A 7 -20.72 -5.02 -11.39
C GLU A 7 -21.08 -6.47 -11.23
N LEU A 8 -21.44 -6.82 -10.02
CA LEU A 8 -21.70 -8.18 -9.70
C LEU A 8 -23.16 -8.49 -9.54
N ASP A 9 -24.01 -7.55 -9.92
CA ASP A 9 -25.43 -7.82 -10.03
C ASP A 9 -26.02 -8.39 -8.77
N GLY A 10 -25.51 -7.92 -7.65
CA GLY A 10 -26.05 -8.30 -6.39
C GLY A 10 -25.74 -9.69 -5.98
N ILE A 11 -24.83 -10.37 -6.66
CA ILE A 11 -24.55 -11.74 -6.34
C ILE A 11 -23.97 -11.86 -4.96
N LEU A 12 -23.16 -10.89 -4.57
CA LEU A 12 -22.64 -10.75 -3.24
C LEU A 12 -22.97 -9.36 -2.79
N PRO A 13 -23.21 -9.18 -1.51
CA PRO A 13 -23.38 -7.83 -1.02
C PRO A 13 -22.11 -7.06 -1.13
N LEU A 14 -22.25 -5.79 -1.42
CA LEU A 14 -21.14 -4.90 -1.47
C LEU A 14 -20.87 -4.40 -0.10
N VAL A 15 -19.66 -4.59 0.39
CA VAL A 15 -19.25 -4.05 1.65
C VAL A 15 -18.81 -2.64 1.47
N ALA A 16 -17.99 -2.36 0.49
CA ALA A 16 -17.45 -1.05 0.32
C ALA A 16 -16.86 -0.96 -1.05
N ARG A 17 -16.77 0.25 -1.53
CA ARG A 17 -15.78 0.57 -2.52
C ARG A 17 -14.87 1.59 -1.93
N GLY A 18 -13.60 1.28 -1.92
CA GLY A 18 -12.57 2.23 -1.58
C GLY A 18 -12.17 2.96 -2.83
N LYS A 19 -11.07 3.66 -2.77
CA LYS A 19 -10.61 4.33 -3.94
C LYS A 19 -10.22 3.34 -5.01
N VAL A 20 -9.74 2.20 -4.60
CA VAL A 20 -9.24 1.23 -5.53
C VAL A 20 -10.00 -0.05 -5.51
N ARG A 21 -10.45 -0.49 -4.36
CA ARG A 21 -11.01 -1.79 -4.25
C ARG A 21 -12.49 -1.76 -4.14
N ASP A 22 -13.09 -2.79 -4.69
CA ASP A 22 -14.49 -3.12 -4.51
C ASP A 22 -14.49 -4.33 -3.65
N ILE A 23 -15.22 -4.27 -2.56
CA ILE A 23 -15.12 -5.27 -1.54
C ILE A 23 -16.48 -5.84 -1.32
N TYR A 24 -16.61 -7.12 -1.51
CA TYR A 24 -17.88 -7.79 -1.37
C TYR A 24 -17.81 -8.76 -0.24
N GLU A 25 -18.96 -9.08 0.31
CA GLU A 25 -19.06 -10.05 1.36
C GLU A 25 -19.30 -11.38 0.79
N VAL A 26 -18.38 -12.28 1.00
CA VAL A 26 -18.55 -13.65 0.60
C VAL A 26 -19.37 -14.36 1.63
N ASP A 27 -19.03 -14.16 2.88
CA ASP A 27 -19.81 -14.69 3.92
C ASP A 27 -19.47 -13.91 5.13
N ALA A 28 -19.97 -14.35 6.24
CA ALA A 28 -19.83 -13.59 7.42
C ALA A 28 -18.39 -13.24 7.74
N GLY A 29 -17.46 -14.07 7.38
CA GLY A 29 -16.08 -13.84 7.74
C GLY A 29 -15.15 -13.50 6.63
N THR A 30 -15.65 -13.39 5.42
CA THR A 30 -14.77 -13.38 4.30
C THR A 30 -15.22 -12.38 3.29
N LEU A 31 -14.23 -11.74 2.70
CA LEU A 31 -14.45 -10.71 1.73
C LEU A 31 -13.82 -11.11 0.44
N LEU A 32 -14.46 -10.66 -0.62
CA LEU A 32 -13.92 -10.67 -1.96
C LEU A 32 -13.36 -9.28 -2.17
N PHE A 33 -12.04 -9.21 -2.28
CA PHE A 33 -11.31 -7.97 -2.18
C PHE A 33 -10.75 -7.69 -3.57
N VAL A 34 -11.46 -6.88 -4.30
CA VAL A 34 -11.20 -6.73 -5.70
C VAL A 34 -10.49 -5.43 -5.93
N ALA A 35 -9.28 -5.49 -6.44
CA ALA A 35 -8.58 -4.29 -6.82
C ALA A 35 -8.97 -3.95 -8.22
N THR A 36 -9.69 -2.87 -8.36
CA THR A 36 -10.03 -2.36 -9.65
C THR A 36 -8.82 -1.67 -10.21
N ASP A 37 -9.02 -1.07 -11.36
CA ASP A 37 -8.01 -0.31 -12.04
C ASP A 37 -8.10 1.15 -11.79
N ARG A 38 -8.93 1.54 -10.85
CA ARG A 38 -8.99 2.91 -10.49
C ARG A 38 -7.66 3.35 -9.90
N ILE A 39 -7.40 4.62 -10.03
CA ILE A 39 -6.22 5.19 -9.39
C ILE A 39 -6.62 6.49 -8.82
N SER A 40 -6.05 6.82 -7.71
CA SER A 40 -6.36 8.02 -7.00
C SER A 40 -5.10 8.70 -6.62
N ALA A 41 -5.21 9.98 -6.37
CA ALA A 41 -4.08 10.73 -5.85
C ALA A 41 -4.68 11.82 -5.05
N TYR A 42 -4.05 12.14 -3.95
CA TYR A 42 -4.56 13.16 -3.07
C TYR A 42 -6.00 12.89 -2.74
N ASP A 43 -6.33 11.62 -2.56
CA ASP A 43 -7.66 11.21 -2.12
C ASP A 43 -8.74 11.47 -3.12
N VAL A 44 -8.39 11.65 -4.38
CA VAL A 44 -9.38 11.77 -5.41
C VAL A 44 -9.08 10.77 -6.48
N ILE A 45 -10.10 10.10 -6.94
CA ILE A 45 -9.99 9.10 -7.95
C ILE A 45 -9.92 9.78 -9.28
N MET A 46 -9.03 9.33 -10.12
CA MET A 46 -8.96 9.84 -11.46
C MET A 46 -10.17 9.38 -12.22
N GLU A 47 -10.49 10.10 -13.28
CA GLU A 47 -11.60 9.71 -14.11
C GLU A 47 -11.37 8.40 -14.77
N ASN A 48 -10.17 8.21 -15.28
CA ASN A 48 -9.83 7.06 -16.01
C ASN A 48 -8.94 6.15 -15.20
N SER A 49 -8.86 4.94 -15.68
CA SER A 49 -8.21 3.88 -14.99
C SER A 49 -6.84 3.59 -15.60
N ILE A 50 -6.10 2.78 -14.89
CA ILE A 50 -4.84 2.25 -15.37
C ILE A 50 -5.10 0.79 -15.64
N PRO A 51 -5.19 0.38 -16.88
CA PRO A 51 -5.58 -0.99 -17.14
C PRO A 51 -4.71 -1.97 -16.42
N GLU A 52 -5.35 -2.89 -15.77
CA GLU A 52 -4.71 -3.97 -15.04
C GLU A 52 -3.91 -3.56 -13.84
N LYS A 53 -3.97 -2.31 -13.46
CA LYS A 53 -3.31 -1.90 -12.24
C LYS A 53 -3.75 -2.74 -11.10
N GLY A 54 -5.04 -3.04 -11.01
CA GLY A 54 -5.50 -3.81 -9.90
C GLY A 54 -4.99 -5.20 -9.89
N ILE A 55 -4.75 -5.76 -11.06
CA ILE A 55 -4.09 -7.05 -11.13
C ILE A 55 -2.70 -6.92 -10.54
N LEU A 56 -2.00 -5.87 -10.90
CA LEU A 56 -0.67 -5.66 -10.38
C LEU A 56 -0.69 -5.51 -8.91
N LEU A 57 -1.61 -4.74 -8.38
CA LEU A 57 -1.65 -4.56 -6.94
C LEU A 57 -1.91 -5.86 -6.26
N THR A 58 -2.76 -6.66 -6.84
CA THR A 58 -3.10 -7.93 -6.29
C THR A 58 -1.92 -8.83 -6.31
N LYS A 59 -1.34 -9.02 -7.49
CA LYS A 59 -0.24 -9.93 -7.62
CA LYS A 59 -0.24 -9.92 -7.65
C LYS A 59 0.95 -9.52 -6.81
N LEU A 60 1.22 -8.25 -6.76
CA LEU A 60 2.36 -7.79 -6.00
C LEU A 60 2.09 -7.98 -4.53
N SER A 61 0.88 -7.69 -4.12
CA SER A 61 0.55 -7.99 -2.74
C SER A 61 0.77 -9.43 -2.44
N GLU A 62 0.30 -10.30 -3.32
CA GLU A 62 0.48 -11.71 -3.08
C GLU A 62 1.91 -12.07 -2.96
N PHE A 63 2.75 -11.47 -3.79
CA PHE A 63 4.16 -11.73 -3.71
C PHE A 63 4.68 -11.41 -2.34
N TRP A 64 4.30 -10.24 -1.83
CA TRP A 64 4.81 -9.84 -0.54
C TRP A 64 4.19 -10.62 0.58
N PHE A 65 2.92 -10.97 0.47
CA PHE A 65 2.34 -11.79 1.51
C PHE A 65 3.11 -13.08 1.63
N LYS A 66 3.48 -13.64 0.50
N LYS A 66 3.47 -13.67 0.51
CA LYS A 66 4.22 -14.86 0.49
CA LYS A 66 4.27 -14.88 0.53
C LYS A 66 5.62 -14.63 1.03
C LYS A 66 5.61 -14.58 1.12
N PHE A 67 6.26 -13.54 0.62
CA PHE A 67 7.59 -13.21 1.08
C PHE A 67 7.63 -13.07 2.57
N LEU A 68 6.56 -12.54 3.12
CA LEU A 68 6.47 -12.26 4.54
C LEU A 68 5.68 -13.31 5.27
N SER A 69 5.42 -14.44 4.66
CA SER A 69 4.46 -15.36 5.24
C SER A 69 4.93 -15.92 6.56
N ASN A 70 6.22 -16.02 6.75
CA ASN A 70 6.74 -16.47 8.04
C ASN A 70 6.95 -15.36 9.01
N ASP A 71 6.76 -14.13 8.60
CA ASP A 71 6.99 -12.97 9.42
C ASP A 71 5.75 -12.43 10.00
N VAL A 72 4.62 -12.63 9.36
CA VAL A 72 3.39 -12.06 9.80
C VAL A 72 2.25 -12.83 9.19
N ARG A 73 1.24 -13.07 9.99
CA ARG A 73 0.00 -13.58 9.49
C ARG A 73 -0.62 -12.59 8.57
N ASN A 74 -1.35 -13.06 7.60
CA ASN A 74 -2.02 -12.15 6.70
C ASN A 74 -3.46 -12.52 6.52
N HIS A 75 -4.17 -11.66 5.83
CA HIS A 75 -5.59 -11.83 5.67
C HIS A 75 -6.01 -12.76 4.59
N LEU A 76 -5.08 -13.32 3.84
CA LEU A 76 -5.51 -14.16 2.75
C LEU A 76 -6.19 -15.39 3.27
N VAL A 77 -7.27 -15.79 2.63
CA VAL A 77 -7.84 -17.08 2.84
C VAL A 77 -6.95 -18.08 2.10
N ASP A 78 -6.71 -19.18 2.74
N ASP A 78 -6.45 -19.03 2.88
CA ASP A 78 -6.10 -20.28 2.05
CA ASP A 78 -5.55 -20.10 2.41
C ASP A 78 -6.97 -20.74 0.90
C ASP A 78 -6.35 -21.13 1.63
N ILE A 79 -6.37 -20.88 -0.25
N ILE A 79 -6.55 -20.84 0.37
CA ILE A 79 -7.07 -21.44 -1.36
CA ILE A 79 -7.35 -21.66 -0.52
C ILE A 79 -6.47 -22.86 -1.44
C ILE A 79 -6.59 -22.93 -0.85
N ALA A 80 -7.31 -23.90 -1.35
CA ALA A 80 -6.78 -25.25 -1.45
C ALA A 80 -5.99 -25.43 -2.72
N PRO A 81 -5.09 -26.38 -2.69
CA PRO A 81 -4.27 -26.63 -3.83
C PRO A 81 -5.10 -26.86 -5.05
N GLY A 82 -4.73 -26.19 -6.13
CA GLY A 82 -5.39 -26.40 -7.40
C GLY A 82 -6.65 -25.62 -7.54
N LYS A 83 -7.07 -24.94 -6.50
CA LYS A 83 -8.28 -24.17 -6.58
CA LYS A 83 -8.28 -24.16 -6.55
C LYS A 83 -7.95 -22.74 -6.86
N THR A 84 -8.97 -22.02 -7.25
CA THR A 84 -8.86 -20.62 -7.46
C THR A 84 -9.86 -19.97 -6.58
N ILE A 85 -9.79 -18.67 -6.53
CA ILE A 85 -10.79 -17.95 -5.80
C ILE A 85 -12.18 -18.26 -6.27
N PHE A 86 -12.33 -18.53 -7.56
CA PHE A 86 -13.66 -18.78 -8.07
C PHE A 86 -14.27 -20.02 -7.53
N ASP A 87 -13.45 -20.96 -7.12
CA ASP A 87 -13.96 -22.14 -6.48
C ASP A 87 -14.60 -21.82 -5.17
N TYR A 88 -14.24 -20.70 -4.57
CA TYR A 88 -14.70 -20.25 -3.30
C TYR A 88 -15.76 -19.19 -3.41
N LEU A 89 -16.25 -18.96 -4.60
CA LEU A 89 -17.26 -17.99 -4.84
C LEU A 89 -18.44 -18.67 -5.42
N PRO A 90 -19.60 -18.05 -5.30
CA PRO A 90 -20.76 -18.56 -6.01
C PRO A 90 -20.43 -18.83 -7.44
N ALA A 91 -20.99 -19.89 -7.94
CA ALA A 91 -20.74 -20.33 -9.28
C ALA A 91 -20.99 -19.24 -10.28
N LYS A 92 -21.98 -18.42 -10.04
CA LYS A 92 -22.30 -17.41 -11.01
C LYS A 92 -21.12 -16.51 -11.26
N LEU A 93 -20.27 -16.29 -10.26
CA LEU A 93 -19.15 -15.38 -10.46
C LEU A 93 -18.07 -15.94 -11.34
N SER A 94 -18.19 -17.21 -11.70
CA SER A 94 -17.33 -17.76 -12.73
C SER A 94 -17.85 -17.54 -14.11
N GLU A 95 -19.06 -17.09 -14.25
CA GLU A 95 -19.58 -16.78 -15.56
C GLU A 95 -18.77 -15.63 -16.06
N PRO A 96 -18.49 -15.59 -17.35
CA PRO A 96 -17.52 -14.62 -17.87
C PRO A 96 -17.84 -13.19 -17.58
N LYS A 97 -19.12 -12.82 -17.54
CA LYS A 97 -19.44 -11.46 -17.27
C LYS A 97 -18.84 -11.02 -15.97
N TYR A 98 -18.76 -11.93 -15.01
CA TYR A 98 -18.21 -11.63 -13.72
C TYR A 98 -16.78 -12.02 -13.62
N LYS A 99 -16.43 -13.18 -14.14
CA LYS A 99 -15.08 -13.65 -13.97
C LYS A 99 -14.10 -12.69 -14.57
N THR A 100 -14.44 -12.10 -15.68
CA THR A 100 -13.51 -11.17 -16.29
C THR A 100 -13.30 -9.95 -15.44
N GLN A 101 -14.26 -9.62 -14.60
CA GLN A 101 -14.12 -8.50 -13.73
C GLN A 101 -13.38 -8.81 -12.46
N LEU A 102 -13.15 -10.08 -12.19
CA LEU A 102 -12.61 -10.48 -10.94
C LEU A 102 -11.29 -11.16 -11.05
N GLU A 103 -11.06 -11.89 -12.12
CA GLU A 103 -9.92 -12.74 -12.16
C GLU A 103 -8.65 -11.91 -12.08
N ASP A 104 -7.71 -12.45 -11.34
CA ASP A 104 -6.37 -11.92 -11.17
C ASP A 104 -6.28 -10.65 -10.40
N ARG A 105 -7.40 -10.10 -10.00
CA ARG A 105 -7.39 -8.85 -9.27
C ARG A 105 -8.17 -8.99 -7.99
N SER A 106 -8.46 -10.21 -7.56
CA SER A 106 -9.29 -10.44 -6.43
C SER A 106 -8.61 -11.30 -5.46
N LEU A 107 -8.74 -10.94 -4.20
CA LEU A 107 -8.28 -11.77 -3.13
C LEU A 107 -9.44 -12.13 -2.29
N LEU A 108 -9.45 -13.36 -1.85
CA LEU A 108 -10.39 -13.83 -0.87
C LEU A 108 -9.70 -13.65 0.44
N VAL A 109 -10.27 -12.82 1.30
CA VAL A 109 -9.58 -12.45 2.49
C VAL A 109 -10.51 -12.60 3.65
N HIS A 110 -9.91 -12.83 4.77
CA HIS A 110 -10.62 -12.83 5.99
C HIS A 110 -10.90 -11.41 6.40
N LYS A 111 -12.12 -11.16 6.79
CA LYS A 111 -12.47 -9.89 7.38
C LYS A 111 -11.73 -9.81 8.67
N HIS A 112 -11.02 -8.74 8.89
CA HIS A 112 -10.34 -8.56 10.14
C HIS A 112 -10.70 -7.28 10.73
N LYS A 113 -10.62 -7.25 12.04
CA LYS A 113 -10.64 -6.00 12.74
C LYS A 113 -9.38 -5.28 12.43
N LEU A 114 -9.52 -4.09 11.92
CA LEU A 114 -8.39 -3.34 11.48
C LEU A 114 -7.88 -2.50 12.59
N ILE A 115 -6.58 -2.32 12.64
CA ILE A 115 -5.99 -1.34 13.52
C ILE A 115 -6.09 -0.05 12.79
N PRO A 116 -6.66 0.97 13.41
CA PRO A 116 -7.06 2.15 12.70
C PRO A 116 -5.94 3.13 12.46
N LEU A 117 -4.93 2.67 11.76
CA LEU A 117 -3.78 3.46 11.43
C LEU A 117 -3.35 3.12 10.06
N GLU A 118 -2.83 4.10 9.37
CA GLU A 118 -2.00 3.84 8.22
C GLU A 118 -0.63 3.60 8.80
N VAL A 119 -0.17 2.38 8.66
CA VAL A 119 1.07 1.96 9.30
C VAL A 119 2.18 2.22 8.33
N ILE A 120 2.60 3.47 8.31
CA ILE A 120 3.61 3.92 7.40
C ILE A 120 4.95 3.70 8.02
N VAL A 121 5.86 3.16 7.25
CA VAL A 121 7.25 3.08 7.59
C VAL A 121 8.02 3.81 6.56
N ARG A 122 8.93 4.65 7.04
CA ARG A 122 9.80 5.41 6.17
C ARG A 122 11.22 4.98 6.38
N GLY A 123 11.83 4.51 5.33
CA GLY A 123 13.24 4.27 5.35
C GLY A 123 14.05 5.45 4.94
N TYR A 124 13.44 6.33 4.19
CA TYR A 124 14.08 7.44 3.55
C TYR A 124 13.16 8.59 3.68
N ILE A 125 13.73 9.77 3.76
CA ILE A 125 12.94 10.93 4.02
C ILE A 125 12.48 11.56 2.76
N THR A 126 11.17 11.59 2.57
CA THR A 126 10.57 12.14 1.41
C THR A 126 9.16 12.48 1.73
N GLY A 127 8.46 13.03 0.79
CA GLY A 127 7.05 13.18 0.95
C GLY A 127 6.71 14.04 2.12
N SER A 128 5.73 13.62 2.87
CA SER A 128 5.29 14.47 3.94
C SER A 128 6.30 14.55 5.04
N ALA A 129 7.12 13.55 5.18
CA ALA A 129 8.15 13.56 6.19
C ALA A 129 9.18 14.61 5.89
N TRP A 130 9.59 14.69 4.64
CA TRP A 130 10.56 15.68 4.26
C TRP A 130 10.01 17.06 4.47
N LYS A 131 8.76 17.24 4.14
CA LYS A 131 8.16 18.55 4.32
CA LYS A 131 8.15 18.54 4.30
C LYS A 131 8.21 18.94 5.78
N GLU A 132 7.85 18.05 6.66
CA GLU A 132 7.88 18.39 8.07
C GLU A 132 9.29 18.62 8.55
N TYR A 133 10.23 17.79 8.13
N TYR A 133 10.14 17.79 8.08
CA TYR A 133 11.63 17.78 8.66
CA TYR A 133 11.45 18.03 8.38
C TYR A 133 12.36 19.03 8.31
C TYR A 133 11.76 19.47 7.98
N VAL A 134 12.15 19.50 7.09
N VAL A 134 11.42 19.90 6.77
CA VAL A 134 12.74 20.74 6.69
CA VAL A 134 11.87 21.21 6.34
C VAL A 134 12.28 21.84 7.61
C VAL A 134 11.25 22.32 7.20
N LYS A 135 11.01 21.82 7.99
N LYS A 135 10.00 22.13 7.60
CA LYS A 135 10.48 22.84 8.87
CA LYS A 135 9.31 23.12 8.41
C LYS A 135 11.01 22.75 10.28
C LYS A 135 9.75 23.12 9.88
N THR A 136 10.85 21.59 10.91
N THR A 136 9.72 21.97 10.53
CA THR A 136 11.14 21.50 12.31
CA THR A 136 9.99 21.92 11.98
C THR A 136 12.00 20.34 12.69
C THR A 136 11.05 20.93 12.43
N GLY A 137 12.54 19.64 11.71
N GLY A 137 11.71 20.25 11.50
CA GLY A 137 13.56 18.65 12.02
CA GLY A 137 12.79 19.37 11.90
C GLY A 137 13.02 17.39 12.66
C GLY A 137 12.25 18.11 12.52
N THR A 138 11.71 17.21 12.55
N THR A 138 11.00 17.80 12.21
CA THR A 138 11.06 16.03 13.05
CA THR A 138 10.39 16.61 12.72
C THR A 138 10.31 15.37 11.93
C THR A 138 9.69 15.88 11.59
N VAL A 139 9.90 14.15 12.20
N VAL A 139 9.38 14.63 11.89
CA VAL A 139 8.95 13.49 11.31
CA VAL A 139 8.68 13.74 11.02
C VAL A 139 7.80 12.95 12.13
C VAL A 139 7.80 13.01 11.95
N HIS A 140 6.54 13.34 11.82
CA HIS A 140 5.44 12.90 12.66
C HIS A 140 5.78 13.24 14.10
N GLY A 141 6.35 14.42 14.27
CA GLY A 141 6.71 14.89 15.59
C GLY A 141 7.95 14.27 16.20
N LEU A 142 8.58 13.31 15.53
CA LEU A 142 9.75 12.63 16.05
C LEU A 142 10.98 13.41 15.65
N LYS A 143 11.94 13.47 16.59
N LYS A 143 11.60 14.08 16.59
CA LYS A 143 13.21 14.09 16.29
CA LYS A 143 12.71 14.93 16.22
C LYS A 143 14.18 13.16 15.54
C LYS A 143 13.72 14.16 15.37
N GLN A 144 14.97 13.84 14.75
N GLN A 144 14.25 14.84 14.38
CA GLN A 144 15.73 13.24 13.72
CA GLN A 144 15.10 14.18 13.46
C GLN A 144 17.11 13.80 13.79
C GLN A 144 16.52 14.69 13.54
N PRO A 145 18.07 13.13 13.19
N PRO A 145 17.46 13.85 13.12
CA PRO A 145 19.38 13.79 13.04
CA PRO A 145 18.82 14.26 13.17
C PRO A 145 19.24 15.07 12.21
C PRO A 145 18.97 15.42 12.27
N GLN A 146 20.05 16.09 12.48
CA GLN A 146 20.21 17.25 11.69
C GLN A 146 20.94 16.88 10.45
N GLY A 147 20.66 17.60 9.38
CA GLY A 147 21.42 17.52 8.18
C GLY A 147 21.00 16.46 7.20
N LEU A 148 19.85 15.82 7.42
CA LEU A 148 19.36 14.93 6.41
C LEU A 148 19.06 15.70 5.17
N LYS A 149 19.42 15.12 4.06
CA LYS A 149 19.09 15.68 2.79
C LYS A 149 17.92 14.97 2.20
N GLU A 150 17.28 15.59 1.22
CA GLU A 150 16.09 15.00 0.67
C GLU A 150 16.37 13.63 0.16
N SER A 151 15.50 12.72 0.52
CA SER A 151 15.61 11.34 0.11
C SER A 151 16.63 10.56 0.85
N GLN A 152 17.30 11.16 1.82
CA GLN A 152 18.30 10.45 2.54
C GLN A 152 17.66 9.37 3.36
N GLU A 153 18.42 8.32 3.55
CA GLU A 153 18.03 7.25 4.39
C GLU A 153 18.04 7.70 5.83
N PHE A 154 17.00 7.36 6.57
CA PHE A 154 17.05 7.54 7.99
C PHE A 154 18.05 6.57 8.58
N PRO A 155 18.58 6.88 9.74
CA PRO A 155 19.48 5.92 10.37
C PRO A 155 18.88 4.56 10.56
N GLU A 156 17.60 4.56 10.91
CA GLU A 156 16.81 3.37 10.99
C GLU A 156 15.45 3.70 10.42
N PRO A 157 14.78 2.76 9.82
CA PRO A 157 13.43 3.07 9.35
C PRO A 157 12.55 3.42 10.50
N ILE A 158 11.59 4.28 10.23
CA ILE A 158 10.76 4.76 11.27
C ILE A 158 9.31 4.55 10.97
N PHE A 159 8.60 4.11 12.00
CA PHE A 159 7.17 4.05 12.00
C PHE A 159 6.63 5.44 12.17
N THR A 160 5.82 5.86 11.21
CA THR A 160 5.27 7.18 11.20
C THR A 160 3.82 7.06 10.85
N PRO A 161 2.97 6.82 11.82
CA PRO A 161 1.58 6.52 11.53
C PRO A 161 0.83 7.70 11.04
N SER A 162 -0.23 7.40 10.31
CA SER A 162 -1.22 8.37 10.04
C SER A 162 -2.56 7.81 10.43
N THR A 163 -3.49 8.71 10.61
CA THR A 163 -4.83 8.29 10.83
C THR A 163 -5.35 7.76 9.55
N LYS A 164 -6.46 7.07 9.68
CA LYS A 164 -7.29 6.70 8.56
C LYS A 164 -8.42 7.67 8.52
N ALA A 165 -8.34 8.63 7.61
CA ALA A 165 -9.32 9.71 7.60
C ALA A 165 -10.71 9.20 7.22
N GLU A 169 -11.08 13.76 6.24
CA GLU A 169 -10.83 14.09 4.83
C GLU A 169 -9.57 13.41 4.30
N HIS A 170 -8.41 13.96 4.62
CA HIS A 170 -7.15 13.30 4.32
C HIS A 170 -6.61 12.70 5.58
N ASP A 171 -5.84 11.66 5.44
CA ASP A 171 -5.20 11.08 6.57
C ASP A 171 -4.34 12.14 7.24
N GLU A 172 -4.20 12.02 8.53
CA GLU A 172 -3.41 12.96 9.30
C GLU A 172 -2.19 12.25 9.82
N ASN A 173 -1.02 12.81 9.59
CA ASN A 173 0.17 12.26 10.18
C ASN A 173 0.13 12.48 11.64
N ILE A 174 0.38 11.45 12.40
CA ILE A 174 0.36 11.54 13.83
C ILE A 174 1.62 10.92 14.37
N SER A 175 1.94 11.28 15.58
CA SER A 175 3.06 10.70 16.24
C SER A 175 2.75 9.29 16.63
N PRO A 176 3.78 8.53 16.88
CA PRO A 176 3.56 7.24 17.52
C PRO A 176 2.83 7.36 18.83
N ALA A 177 3.09 8.42 19.57
CA ALA A 177 2.39 8.59 20.81
C ALA A 177 0.91 8.75 20.58
N GLN A 178 0.53 9.52 19.60
CA GLN A 178 -0.87 9.67 19.29
C GLN A 178 -1.44 8.38 18.77
N ALA A 179 -0.67 7.65 17.98
CA ALA A 179 -1.15 6.36 17.56
C ALA A 179 -1.44 5.49 18.75
N ALA A 180 -0.60 5.56 19.76
CA ALA A 180 -0.82 4.76 20.96
C ALA A 180 -2.04 5.24 21.69
N GLU A 181 -2.37 6.51 21.63
CA GLU A 181 -3.63 6.96 22.15
C GLU A 181 -4.78 6.28 21.46
N LEU A 182 -4.68 6.11 20.16
CA LEU A 182 -5.74 5.51 19.42
C LEU A 182 -5.84 4.03 19.60
N VAL A 183 -4.71 3.35 19.64
CA VAL A 183 -4.75 1.91 19.55
C VAL A 183 -4.22 1.18 20.75
N GLY A 184 -3.70 1.92 21.71
CA GLY A 184 -3.14 1.34 22.88
C GLY A 184 -1.65 1.32 22.84
N GLU A 185 -1.02 1.51 23.98
CA GLU A 185 0.42 1.61 24.00
C GLU A 185 1.10 0.33 23.61
N ASP A 186 0.60 -0.79 24.09
CA ASP A 186 1.28 -2.01 23.77
C ASP A 186 1.11 -2.30 22.31
N LEU A 187 -0.10 -2.18 21.83
CA LEU A 187 -0.36 -2.51 20.46
C LEU A 187 0.39 -1.58 19.55
N SER A 188 0.41 -0.31 19.85
CA SER A 188 1.11 0.63 18.99
C SER A 188 2.56 0.30 18.89
N ARG A 189 3.19 -0.08 19.97
CA ARG A 189 4.59 -0.42 19.91
C ARG A 189 4.74 -1.68 19.09
N ARG A 190 3.87 -2.65 19.27
CA ARG A 190 3.97 -3.86 18.50
C ARG A 190 3.82 -3.57 17.04
N VAL A 191 2.88 -2.71 16.71
CA VAL A 191 2.67 -2.29 15.35
C VAL A 191 3.93 -1.65 14.82
N ALA A 192 4.50 -0.74 15.56
CA ALA A 192 5.67 -0.06 15.10
C ALA A 192 6.79 -1.00 14.85
N GLU A 193 7.00 -1.90 15.77
CA GLU A 193 8.14 -2.76 15.64
CA GLU A 193 8.11 -2.84 15.73
C GLU A 193 7.94 -3.73 14.52
N LEU A 194 6.75 -4.26 14.38
CA LEU A 194 6.51 -5.21 13.34
C LEU A 194 6.61 -4.51 12.01
N ALA A 195 6.03 -3.34 11.90
CA ALA A 195 6.08 -2.65 10.63
C ALA A 195 7.49 -2.39 10.22
N VAL A 196 8.32 -1.94 11.13
CA VAL A 196 9.69 -1.67 10.79
C VAL A 196 10.39 -2.96 10.42
N LYS A 197 10.12 -4.02 11.13
CA LYS A 197 10.73 -5.28 10.82
C LYS A 197 10.37 -5.73 9.43
N LEU A 198 9.08 -5.68 9.11
CA LEU A 198 8.64 -6.07 7.80
C LEU A 198 9.25 -5.20 6.76
N TYR A 199 9.18 -3.92 6.97
CA TYR A 199 9.75 -3.00 6.03
C TYR A 199 11.20 -3.28 5.80
N SER A 200 11.97 -3.43 6.85
CA SER A 200 13.39 -3.61 6.69
C SER A 200 13.70 -4.85 5.91
N LYS A 201 12.99 -5.92 6.17
CA LYS A 201 13.23 -7.13 5.43
C LYS A 201 12.96 -6.90 3.98
N CYS A 202 11.86 -6.25 3.68
CA CYS A 202 11.51 -6.00 2.32
C CYS A 202 12.45 -5.01 1.67
N LYS A 203 12.86 -4.01 2.42
CA LYS A 203 13.78 -3.03 1.94
C LYS A 203 15.07 -3.67 1.54
N ASP A 204 15.58 -4.55 2.35
CA ASP A 204 16.86 -5.16 2.06
C ASP A 204 16.74 -6.02 0.84
N TYR A 205 15.65 -6.76 0.74
CA TYR A 205 15.40 -7.59 -0.38
C TYR A 205 15.31 -6.76 -1.63
N ALA A 206 14.53 -5.71 -1.57
CA ALA A 206 14.33 -4.88 -2.72
C ALA A 206 15.60 -4.21 -3.14
N LYS A 207 16.40 -3.79 -2.18
CA LYS A 207 17.61 -3.08 -2.52
C LYS A 207 18.50 -3.95 -3.35
N GLU A 208 18.58 -5.22 -3.03
CA GLU A 208 19.42 -6.10 -3.79
C GLU A 208 18.88 -6.27 -5.18
N LYS A 209 17.58 -6.16 -5.35
CA LYS A 209 16.97 -6.17 -6.67
C LYS A 209 17.14 -4.86 -7.39
N GLY A 210 17.58 -3.84 -6.71
CA GLY A 210 17.78 -2.55 -7.33
C GLY A 210 16.75 -1.52 -7.01
N ILE A 211 15.88 -1.77 -6.07
CA ILE A 211 14.86 -0.79 -5.73
C ILE A 211 15.05 -0.40 -4.30
N ILE A 212 15.00 0.88 -4.11
CA ILE A 212 14.90 1.45 -2.78
C ILE A 212 13.45 1.62 -2.47
N ILE A 213 12.99 0.98 -1.43
CA ILE A 213 11.67 1.22 -0.94
C ILE A 213 11.79 2.41 -0.03
N ALA A 214 11.40 3.57 -0.49
CA ALA A 214 11.59 4.73 0.29
C ALA A 214 10.73 4.72 1.52
N ASP A 215 9.48 4.34 1.33
CA ASP A 215 8.52 4.31 2.37
C ASP A 215 7.38 3.44 1.90
N THR A 216 6.51 3.11 2.83
CA THR A 216 5.39 2.30 2.50
C THR A 216 4.36 2.45 3.57
N LYS A 217 3.14 2.15 3.20
CA LYS A 217 2.01 2.10 4.09
C LYS A 217 1.53 0.70 4.16
N PHE A 218 1.58 0.14 5.34
CA PHE A 218 0.97 -1.13 5.62
C PHE A 218 -0.36 -0.85 6.29
N GLU A 219 -1.21 -1.85 6.25
CA GLU A 219 -2.35 -1.92 7.09
C GLU A 219 -2.30 -3.19 7.84
N PHE A 220 -2.64 -3.09 9.09
CA PHE A 220 -2.66 -4.21 9.97
C PHE A 220 -4.04 -4.38 10.55
N GLY A 221 -4.39 -5.61 10.75
CA GLY A 221 -5.50 -5.99 11.56
C GLY A 221 -5.01 -6.62 12.81
N ILE A 222 -5.96 -6.94 13.65
CA ILE A 222 -5.66 -7.55 14.91
C ILE A 222 -6.65 -8.64 15.09
N ASP A 223 -6.15 -9.83 15.35
CA ASP A 223 -6.98 -10.95 15.69
C ASP A 223 -6.91 -11.04 17.18
N GLU A 224 -7.97 -10.55 17.80
CA GLU A 224 -7.97 -10.45 19.24
C GLU A 224 -8.14 -11.82 19.91
N LYS A 225 -8.48 -12.85 19.14
N LYS A 225 -8.51 -12.84 19.14
CA LYS A 225 -8.61 -14.20 19.68
CA LYS A 225 -8.60 -14.22 19.65
C LYS A 225 -7.23 -14.84 19.87
C LYS A 225 -7.21 -14.87 19.73
N THR A 226 -6.33 -14.63 18.92
N THR A 226 -6.20 -14.15 19.28
CA THR A 226 -4.99 -15.20 18.97
CA THR A 226 -4.81 -14.54 19.51
C THR A 226 -3.93 -14.16 19.40
C THR A 226 -3.97 -13.30 19.82
N ASN A 227 -4.34 -12.92 19.57
N ASN A 227 -4.58 -12.13 19.65
CA ASN A 227 -3.43 -11.82 19.82
CA ASN A 227 -3.91 -10.87 19.88
C ASN A 227 -2.33 -11.77 18.79
C ASN A 227 -2.96 -10.57 18.70
N GLU A 228 -2.81 -11.75 17.54
N GLU A 228 -3.16 -11.34 17.62
CA GLU A 228 -1.87 -11.60 16.42
CA GLU A 228 -2.18 -11.44 16.51
C GLU A 228 -2.20 -10.44 15.57
C GLU A 228 -2.30 -10.24 15.63
N ILE A 229 -1.19 -9.67 15.21
CA ILE A 229 -1.30 -8.65 14.21
C ILE A 229 -1.34 -9.36 12.87
N ILE A 230 -2.19 -8.85 12.00
CA ILE A 230 -2.42 -9.43 10.73
C ILE A 230 -2.07 -8.40 9.70
N LEU A 231 -1.33 -8.80 8.70
CA LEU A 231 -1.08 -7.93 7.57
C LEU A 231 -2.25 -8.05 6.65
N VAL A 232 -2.88 -6.92 6.40
CA VAL A 232 -4.09 -6.89 5.61
C VAL A 232 -3.89 -5.98 4.42
N ASP A 233 -4.96 -5.71 3.72
CA ASP A 233 -4.96 -4.77 2.65
C ASP A 233 -3.99 -5.18 1.57
N GLU A 234 -3.29 -4.22 1.03
CA GLU A 234 -2.27 -4.44 0.06
C GLU A 234 -0.94 -4.21 0.70
N VAL A 235 0.06 -4.79 0.09
CA VAL A 235 1.39 -4.78 0.65
C VAL A 235 2.36 -4.40 -0.42
N LEU A 236 3.09 -3.35 -0.15
CA LEU A 236 4.26 -2.95 -0.92
C LEU A 236 3.93 -2.95 -2.38
N THR A 237 2.87 -2.23 -2.70
CA THR A 237 2.54 -1.95 -4.07
C THR A 237 2.95 -0.55 -4.38
N PRO A 238 2.90 -0.17 -5.64
CA PRO A 238 3.27 1.18 -5.98
C PRO A 238 2.20 2.16 -5.66
N ASP A 239 1.03 1.70 -5.23
CA ASP A 239 0.08 2.59 -4.60
C ASP A 239 0.48 2.82 -3.16
N SER A 240 0.93 1.81 -2.47
CA SER A 240 1.16 1.91 -1.05
C SER A 240 2.55 2.33 -0.69
N SER A 241 3.42 2.52 -1.66
CA SER A 241 4.83 2.69 -1.42
C SER A 241 5.43 3.62 -2.37
N ARG A 242 6.64 4.05 -2.05
CA ARG A 242 7.47 4.72 -3.00
C ARG A 242 8.65 3.85 -3.28
N PHE A 243 8.86 3.63 -4.57
CA PHE A 243 9.92 2.80 -5.05
C PHE A 243 10.82 3.61 -5.92
N TRP A 244 12.09 3.60 -5.56
CA TRP A 244 13.10 4.33 -6.27
C TRP A 244 14.07 3.37 -6.84
N ASN A 245 14.63 3.76 -7.96
CA ASN A 245 15.70 3.00 -8.56
C ASN A 245 16.97 3.25 -7.80
N GLY A 246 17.57 2.19 -7.29
CA GLY A 246 18.76 2.35 -6.49
C GLY A 246 19.89 2.99 -7.23
N ALA A 247 20.05 2.61 -8.47
CA ALA A 247 21.15 3.13 -9.24
C ALA A 247 21.01 4.59 -9.56
N SER A 248 19.80 5.09 -9.69
CA SER A 248 19.63 6.50 -9.96
C SER A 248 19.49 7.31 -8.71
N TYR A 249 19.46 6.66 -7.57
CA TYR A 249 19.26 7.35 -6.33
C TYR A 249 20.36 8.37 -6.09
N LYS A 250 19.94 9.55 -5.69
CA LYS A 250 20.85 10.60 -5.37
C LYS A 250 20.23 11.41 -4.30
N VAL A 251 20.89 11.50 -3.17
CA VAL A 251 20.36 12.22 -2.08
C VAL A 251 20.40 13.69 -2.42
N GLY A 252 19.52 14.42 -1.80
CA GLY A 252 19.48 15.86 -1.94
C GLY A 252 18.55 16.33 -3.02
N GLU A 253 17.76 15.42 -3.57
CA GLU A 253 16.83 15.77 -4.61
C GLU A 253 15.75 14.73 -4.59
N SER A 254 14.74 14.95 -5.42
CA SER A 254 13.71 13.95 -5.57
C SER A 254 14.16 12.88 -6.53
N GLN A 255 13.54 11.74 -6.40
CA GLN A 255 13.91 10.59 -7.17
C GLN A 255 12.90 10.31 -8.24
N ASP A 256 13.34 9.58 -9.24
CA ASP A 256 12.40 9.04 -10.18
C ASP A 256 11.44 8.11 -9.47
N SER A 257 10.21 8.15 -9.88
CA SER A 257 9.17 7.39 -9.26
C SER A 257 8.93 6.10 -9.98
N TYR A 258 8.74 5.04 -9.23
CA TYR A 258 8.22 3.83 -9.79
C TYR A 258 6.97 3.46 -9.03
N ASP A 259 6.07 4.43 -8.96
CA ASP A 259 4.99 4.37 -8.02
C ASP A 259 4.06 5.51 -8.30
N LYS A 260 3.09 5.67 -7.44
CA LYS A 260 2.08 6.66 -7.65
C LYS A 260 2.60 8.04 -7.60
N GLN A 261 3.77 8.27 -7.03
CA GLN A 261 4.27 9.60 -6.93
C GLN A 261 4.37 10.26 -8.28
N PHE A 262 4.60 9.50 -9.33
CA PHE A 262 4.65 10.06 -10.63
C PHE A 262 3.35 10.77 -10.92
N LEU A 263 2.23 10.12 -10.63
CA LEU A 263 0.94 10.69 -10.90
C LEU A 263 0.69 11.83 -9.97
N ARG A 264 0.97 11.66 -8.70
CA ARG A 264 0.79 12.75 -7.77
C ARG A 264 1.50 13.98 -8.27
N ASP A 265 2.74 13.80 -8.64
CA ASP A 265 3.53 14.93 -9.04
C ASP A 265 3.03 15.53 -10.32
N TRP A 266 2.58 14.71 -11.25
CA TRP A 266 2.06 15.22 -12.48
C TRP A 266 0.82 16.05 -12.17
N LEU A 267 -0.05 15.56 -11.33
CA LEU A 267 -1.23 16.30 -11.00
C LEU A 267 -0.84 17.60 -10.40
N THR A 268 0.06 17.60 -9.45
CA THR A 268 0.46 18.83 -8.80
C THR A 268 1.06 19.78 -9.79
N ALA A 269 1.91 19.29 -10.65
CA ALA A 269 2.57 20.12 -11.61
C ALA A 269 1.58 20.77 -12.54
N ASN A 270 0.46 20.11 -12.77
CA ASN A 270 -0.56 20.58 -13.66
C ASN A 270 -1.72 21.23 -12.96
N LYS A 271 -1.56 21.47 -11.67
CA LYS A 271 -2.60 22.08 -10.89
C LYS A 271 -3.90 21.33 -11.05
N LEU A 272 -3.78 20.02 -10.96
CA LEU A 272 -4.93 19.17 -10.99
C LEU A 272 -5.02 18.33 -9.76
N ASN A 273 -4.10 18.50 -8.82
CA ASN A 273 -4.23 17.79 -7.57
C ASN A 273 -5.51 18.20 -6.93
N GLY A 274 -6.22 17.22 -6.41
CA GLY A 274 -7.45 17.44 -5.74
C GLY A 274 -8.66 17.55 -6.61
N VAL A 275 -8.47 17.65 -7.91
CA VAL A 275 -9.57 17.84 -8.82
C VAL A 275 -10.19 16.50 -9.13
N ASN A 276 -11.51 16.43 -9.07
CA ASN A 276 -12.24 15.25 -9.44
C ASN A 276 -12.39 15.14 -10.91
N GLY A 277 -12.59 13.94 -11.37
CA GLY A 277 -12.85 13.71 -12.75
C GLY A 277 -11.67 14.01 -13.64
N VAL A 278 -10.45 13.93 -13.15
CA VAL A 278 -9.31 14.24 -13.98
C VAL A 278 -9.07 13.09 -14.92
N LYS A 279 -8.96 13.42 -16.17
CA LYS A 279 -8.62 12.46 -17.17
C LYS A 279 -7.13 12.52 -17.35
N MET A 280 -6.47 11.48 -16.92
CA MET A 280 -5.06 11.40 -17.18
C MET A 280 -4.89 11.25 -18.65
N PRO A 281 -4.04 12.06 -19.26
CA PRO A 281 -3.72 11.83 -20.64
C PRO A 281 -3.17 10.46 -20.81
N GLN A 282 -3.31 9.94 -22.00
CA GLN A 282 -2.86 8.61 -22.24
C GLN A 282 -1.40 8.45 -21.89
N ASP A 283 -0.60 9.45 -22.15
CA ASP A 283 0.80 9.38 -21.83
C ASP A 283 1.01 9.15 -20.36
N ILE A 284 0.20 9.78 -19.54
CA ILE A 284 0.32 9.64 -18.11
C ILE A 284 -0.19 8.31 -17.67
N VAL A 285 -1.29 7.85 -18.25
CA VAL A 285 -1.75 6.51 -17.97
C VAL A 285 -0.65 5.55 -18.28
N ASP A 286 -0.08 5.68 -19.45
CA ASP A 286 0.87 4.69 -19.89
C ASP A 286 2.11 4.75 -19.07
N ARG A 287 2.56 5.93 -18.73
CA ARG A 287 3.78 6.08 -17.96
CA ARG A 287 3.81 6.02 -17.98
C ARG A 287 3.59 5.57 -16.55
N THR A 288 2.43 5.83 -16.00
CA THR A 288 2.14 5.33 -14.69
C THR A 288 2.12 3.83 -14.71
N ARG A 289 1.40 3.27 -15.66
CA ARG A 289 1.28 1.86 -15.76
C ARG A 289 2.66 1.23 -15.87
N ALA A 290 3.47 1.82 -16.71
CA ALA A 290 4.78 1.24 -16.95
C ALA A 290 5.64 1.34 -15.74
N LYS A 291 5.55 2.42 -15.00
CA LYS A 291 6.31 2.53 -13.78
C LYS A 291 5.91 1.48 -12.80
N TYR A 292 4.60 1.26 -12.67
CA TYR A 292 4.14 0.26 -11.74
C TYR A 292 4.64 -1.08 -12.16
N ILE A 293 4.57 -1.36 -13.45
CA ILE A 293 5.01 -2.67 -13.91
C ILE A 293 6.49 -2.82 -13.71
N GLU A 294 7.26 -1.77 -13.90
CA GLU A 294 8.68 -1.89 -13.66
C GLU A 294 8.96 -2.20 -12.22
N ALA A 295 8.25 -1.53 -11.32
CA ALA A 295 8.41 -1.86 -9.92
C ALA A 295 8.07 -3.30 -9.71
N TYR A 296 6.95 -3.72 -10.25
CA TYR A 296 6.52 -5.09 -10.07
C TYR A 296 7.56 -6.04 -10.56
N GLU A 297 8.05 -5.83 -11.74
CA GLU A 297 9.00 -6.78 -12.30
C GLU A 297 10.26 -6.80 -11.51
N THR A 298 10.75 -5.65 -11.10
CA THR A 298 12.01 -5.63 -10.40
C THR A 298 11.86 -6.23 -9.04
N LEU A 299 10.80 -5.90 -8.36
CA LEU A 299 10.61 -6.39 -7.01
C LEU A 299 10.40 -7.86 -7.00
N THR A 300 9.59 -8.37 -7.92
CA THR A 300 9.26 -9.77 -7.89
C THR A 300 10.24 -10.61 -8.62
N GLY A 301 11.01 -10.02 -9.51
CA GLY A 301 11.87 -10.77 -10.37
C GLY A 301 11.10 -11.55 -11.40
N SER A 302 9.84 -11.26 -11.58
CA SER A 302 9.04 -11.93 -12.55
C SER A 302 8.65 -10.97 -13.61
N LYS A 303 8.28 -11.49 -14.76
CA LYS A 303 7.83 -10.65 -15.84
C LYS A 303 6.34 -10.46 -15.71
N TRP A 304 5.91 -9.26 -15.98
CA TRP A 304 4.51 -8.97 -16.00
C TRP A 304 3.87 -9.60 -17.18
N SER A 305 4.50 -9.37 -18.33
CA SER A 305 4.09 -9.91 -19.62
CA SER A 305 4.09 -9.94 -19.61
C SER A 305 5.30 -10.42 -20.40
#